data_7VFB
#
_entry.id   7VFB
#
_cell.length_a   254.605
_cell.length_b   33.492
_cell.length_c   48.740
_cell.angle_alpha   90.000
_cell.angle_beta   90.000
_cell.angle_gamma   90.000
#
_symmetry.space_group_name_H-M   'P 21 21 2'
#
loop_
_entity.id
_entity.type
_entity.pdbx_description
1 polymer nb2b4
2 polymer '3C-like proteinase'
3 water water
#
loop_
_entity_poly.entity_id
_entity_poly.type
_entity_poly.pdbx_seq_one_letter_code
_entity_poly.pdbx_strand_id
1 'polypeptide(L)'
;QVQLQESGGGSVQAGGSLRLSCAVSGYTYSSKCLGWFRQAPGKEREGIATIYTGGGSTYYVDSVKGRFTISQDNAKNTVA
LQMNSLKPEDTAMYYCAASGAIAGIRLCLPGHTFYTYWGQGTQVTVSSHHHHHH
;
B
2 'polypeptide(L)'
;SGFRKMAFPSGKVEGCMVQVTCGTTTLNGLWLDDVVYCPRHVICTSEDMLNPNYEDLLIRKSNHNFLVQAGNVQLRVIGH
SMQNCVLKLKVDTANPKTPKYKFVRIQPGQTFSVLACYNGSPSGVYQCAMRPNFTIKGSFLNGSCGSVGFNIDYDCVSFC
YMHHMELPTGVHAGTDLEGNFYGPFVDRQTAQAAGTDTTITVNVLAWLYAAVINGDRWFLNRFTTTLNDFNLVAMKYNYE
PLTQDHVDILGPLSAQTGIAVLDMCASLKELLQNGMNGRTILGSALLEDEFTPFDVVRQCSGVTFQ
;
A
#
# COMPACT_ATOMS: atom_id res chain seq x y z
N VAL A 2 32.93 15.34 15.06
CA VAL A 2 32.14 15.66 13.86
C VAL A 2 31.63 17.10 13.93
N GLN A 3 31.81 17.84 12.83
CA GLN A 3 31.49 19.26 12.77
C GLN A 3 30.45 19.54 11.69
N LEU A 4 29.63 20.56 11.90
CA LEU A 4 28.61 20.97 10.96
C LEU A 4 28.49 22.49 10.99
N GLN A 5 28.52 23.11 9.80
CA GLN A 5 28.39 24.56 9.67
C GLN A 5 27.40 24.91 8.58
N GLU A 6 26.42 25.74 8.90
CA GLU A 6 25.37 26.15 7.98
C GLU A 6 25.71 27.46 7.28
N SER A 7 25.04 27.69 6.15
CA SER A 7 25.27 28.88 5.35
C SER A 7 23.99 29.29 4.65
N GLY A 8 23.92 30.55 4.25
CA GLY A 8 22.91 31.01 3.31
C GLY A 8 21.66 31.64 3.90
N GLY A 9 21.62 31.93 5.19
CA GLY A 9 20.47 32.59 5.78
C GLY A 9 20.41 34.05 5.38
N GLY A 10 19.42 34.74 5.93
CA GLY A 10 19.30 36.17 5.73
C GLY A 10 17.85 36.61 5.74
N SER A 11 17.63 37.82 5.23
CA SER A 11 16.32 38.46 5.23
C SER A 11 15.75 38.44 3.81
N VAL A 12 14.42 38.24 3.73
CA VAL A 12 13.73 38.12 2.46
C VAL A 12 12.29 38.59 2.65
N GLN A 13 11.68 39.03 1.55
CA GLN A 13 10.29 39.46 1.57
C GLN A 13 9.37 38.26 1.33
N ALA A 14 8.15 38.35 1.85
CA ALA A 14 7.17 37.28 1.68
C ALA A 14 6.98 36.96 0.20
N GLY A 15 7.11 35.68 -0.14
CA GLY A 15 7.11 35.24 -1.51
C GLY A 15 8.50 35.05 -2.10
N GLY A 16 9.54 35.40 -1.36
CA GLY A 16 10.90 35.29 -1.85
C GLY A 16 11.45 33.88 -1.73
N SER A 17 12.76 33.77 -1.91
CA SER A 17 13.44 32.49 -1.91
C SER A 17 14.77 32.61 -1.18
N LEU A 18 15.19 31.49 -0.58
CA LEU A 18 16.48 31.40 0.09
C LEU A 18 16.99 29.98 -0.05
N ARG A 19 18.31 29.83 -0.10
CA ARG A 19 18.94 28.52 -0.17
C ARG A 19 19.90 28.36 1.00
N LEU A 20 19.66 27.37 1.83
CA LEU A 20 20.53 27.05 2.95
C LEU A 20 21.47 25.92 2.53
N SER A 21 22.69 25.96 3.05
CA SER A 21 23.66 24.92 2.82
C SER A 21 24.38 24.63 4.12
N CYS A 22 24.74 23.35 4.30
CA CYS A 22 25.39 22.92 5.53
C CYS A 22 26.56 22.02 5.19
N ALA A 23 27.74 22.36 5.71
CA ALA A 23 28.98 21.64 5.41
C ALA A 23 29.15 20.53 6.44
N VAL A 24 28.84 19.30 6.03
CA VAL A 24 29.07 18.13 6.86
C VAL A 24 30.56 17.80 6.81
N SER A 25 31.23 17.88 7.96
CA SER A 25 32.67 17.70 8.02
C SER A 25 33.03 16.70 9.12
N GLY A 26 34.17 16.04 8.94
CA GLY A 26 34.65 15.10 9.93
C GLY A 26 33.82 13.85 10.07
N TYR A 27 33.06 13.48 9.05
CA TYR A 27 32.19 12.32 9.13
C TYR A 27 32.84 11.11 8.45
N THR A 28 32.36 9.93 8.83
CA THR A 28 32.89 8.66 8.34
C THR A 28 32.44 8.32 6.93
N TYR A 29 31.65 9.18 6.28
CA TYR A 29 31.17 8.98 4.91
C TYR A 29 30.33 7.71 4.76
N SER A 30 29.63 7.32 5.82
CA SER A 30 28.74 6.18 5.77
C SER A 30 27.29 6.66 5.59
N SER A 31 26.35 5.74 5.69
CA SER A 31 24.93 6.08 5.61
C SER A 31 24.50 6.79 6.89
N LYS A 32 23.84 7.93 6.74
CA LYS A 32 23.48 8.79 7.85
C LYS A 32 22.13 9.42 7.59
N CYS A 33 21.54 9.98 8.65
CA CYS A 33 20.38 10.84 8.55
C CYS A 33 20.81 12.29 8.67
N LEU A 34 20.41 13.12 7.71
CA LEU A 34 20.66 14.55 7.72
C LEU A 34 19.33 15.27 7.72
N GLY A 35 19.20 16.28 8.57
CA GLY A 35 17.94 16.98 8.72
C GLY A 35 18.13 18.47 8.81
N TRP A 36 17.12 19.20 8.35
CA TRP A 36 17.03 20.64 8.52
C TRP A 36 15.98 20.92 9.58
N PHE A 37 16.38 21.63 10.63
CA PHE A 37 15.53 21.98 11.75
C PHE A 37 15.35 23.49 11.79
N ARG A 38 14.27 23.93 12.43
CA ARG A 38 14.04 25.35 12.64
C ARG A 38 13.41 25.56 14.00
N GLN A 39 13.61 26.75 14.53
CA GLN A 39 13.17 27.08 15.88
C GLN A 39 12.85 28.56 15.95
N ALA A 40 11.62 28.88 16.32
CA ALA A 40 11.21 30.25 16.55
C ALA A 40 11.39 30.62 18.01
N PRO A 41 11.45 31.91 18.34
CA PRO A 41 11.68 32.29 19.74
C PRO A 41 10.60 31.77 20.66
N GLY A 42 11.01 31.07 21.71
CA GLY A 42 10.07 30.48 22.64
C GLY A 42 9.54 29.14 22.17
N LYS A 43 9.31 29.01 20.86
CA LYS A 43 8.84 27.75 20.31
C LYS A 43 9.95 26.71 20.38
N GLU A 44 9.54 25.44 20.39
CA GLU A 44 10.50 24.35 20.42
C GLU A 44 11.13 24.16 19.04
N ARG A 45 12.31 23.56 19.04
CA ARG A 45 12.97 23.20 17.78
C ARG A 45 12.23 22.06 17.10
N GLU A 46 12.12 22.14 15.78
CA GLU A 46 11.33 21.17 15.03
C GLU A 46 12.02 20.84 13.72
N GLY A 47 12.11 19.55 13.41
CA GLY A 47 12.62 19.13 12.11
C GLY A 47 11.56 19.30 11.05
N ILE A 48 11.99 19.83 9.90
CA ILE A 48 11.06 20.10 8.81
C ILE A 48 11.38 19.33 7.54
N ALA A 49 12.63 18.90 7.34
CA ALA A 49 13.02 18.20 6.13
C ALA A 49 14.19 17.30 6.45
N THR A 50 14.12 16.04 6.03
CA THR A 50 15.14 15.04 6.31
C THR A 50 15.48 14.29 5.02
N ILE A 51 16.71 13.78 4.97
CA ILE A 51 17.17 12.99 3.83
C ILE A 51 18.07 11.88 4.34
N TYR A 52 17.90 10.68 3.80
CA TYR A 52 18.77 9.55 4.11
C TYR A 52 19.81 9.40 3.02
N THR A 53 21.08 9.51 3.41
CA THR A 53 22.15 9.49 2.41
C THR A 53 22.37 8.10 1.78
N GLY A 54 21.65 7.09 2.24
CA GLY A 54 21.65 5.81 1.55
C GLY A 54 20.90 5.89 0.23
N GLY A 55 19.58 5.72 0.26
CA GLY A 55 18.78 5.80 -0.94
C GLY A 55 18.33 7.18 -1.35
N GLY A 56 18.58 8.19 -0.52
CA GLY A 56 18.16 9.54 -0.86
C GLY A 56 16.69 9.83 -0.68
N SER A 57 15.96 9.00 0.07
CA SER A 57 14.55 9.27 0.30
C SER A 57 14.40 10.46 1.23
N THR A 58 13.43 11.33 0.93
CA THR A 58 13.25 12.58 1.65
C THR A 58 11.89 12.62 2.32
N TYR A 59 11.84 13.29 3.47
CA TYR A 59 10.58 13.55 4.17
C TYR A 59 10.47 15.03 4.48
N TYR A 60 9.24 15.55 4.41
CA TYR A 60 8.94 16.93 4.70
C TYR A 60 7.71 17.02 5.57
N VAL A 61 7.74 17.90 6.59
CA VAL A 61 6.52 18.16 7.35
C VAL A 61 5.51 18.89 6.46
N ASP A 62 4.24 18.74 6.80
CA ASP A 62 3.15 19.24 5.97
C ASP A 62 3.29 20.73 5.66
N SER A 63 3.80 21.53 6.61
CA SER A 63 3.81 22.98 6.44
C SER A 63 4.84 23.48 5.44
N VAL A 64 5.91 22.72 5.18
CA VAL A 64 6.98 23.20 4.32
C VAL A 64 7.24 22.31 3.12
N LYS A 65 6.48 21.22 2.96
CA LYS A 65 6.70 20.27 1.89
C LYS A 65 6.77 20.98 0.54
N GLY A 66 7.39 20.39 -0.47
CA GLY A 66 7.40 20.97 -1.81
C GLY A 66 8.00 22.37 -1.93
N ARG A 67 7.55 23.31 -1.08
CA ARG A 67 8.14 24.64 -1.07
C ARG A 67 9.61 24.57 -0.74
N PHE A 68 9.95 23.75 0.24
CA PHE A 68 11.33 23.48 0.59
C PHE A 68 11.72 22.15 -0.03
N THR A 69 12.95 22.06 -0.51
CA THR A 69 13.49 20.81 -1.04
C THR A 69 14.85 20.60 -0.40
N ILE A 70 15.05 19.43 0.20
CA ILE A 70 16.31 19.08 0.84
C ILE A 70 17.14 18.28 -0.15
N SER A 71 18.46 18.48 -0.12
CA SER A 71 19.38 17.88 -1.09
C SER A 71 20.62 17.40 -0.36
N GLN A 72 21.37 16.52 -1.01
CA GLN A 72 22.64 16.05 -0.49
C GLN A 72 23.67 16.04 -1.61
N ASP A 73 24.93 16.25 -1.22
CA ASP A 73 26.06 16.34 -2.15
C ASP A 73 27.28 15.72 -1.44
N ASN A 74 27.31 14.38 -1.41
CA ASN A 74 28.41 13.68 -0.75
C ASN A 74 29.75 14.01 -1.40
N ALA A 75 29.75 14.39 -2.68
CA ALA A 75 31.00 14.77 -3.33
C ALA A 75 31.57 16.04 -2.71
N LYS A 76 30.72 17.04 -2.46
CA LYS A 76 31.13 18.26 -1.79
C LYS A 76 30.82 18.26 -0.30
N ASN A 77 30.25 17.16 0.21
CA ASN A 77 29.85 17.02 1.61
C ASN A 77 29.02 18.23 2.06
N THR A 78 27.87 18.39 1.42
CA THR A 78 26.95 19.47 1.77
C THR A 78 25.53 18.94 1.75
N VAL A 79 24.72 19.41 2.68
CA VAL A 79 23.27 19.21 2.65
C VAL A 79 22.62 20.58 2.49
N ALA A 80 21.63 20.66 1.60
CA ALA A 80 21.08 21.94 1.18
C ALA A 80 19.57 21.96 1.42
N LEU A 81 19.05 23.17 1.57
CA LEU A 81 17.61 23.39 1.74
C LEU A 81 17.22 24.58 0.88
N GLN A 82 16.55 24.31 -0.24
CA GLN A 82 16.02 25.36 -1.11
C GLN A 82 14.64 25.74 -0.60
N MET A 83 14.48 27.00 -0.19
CA MET A 83 13.23 27.48 0.41
C MET A 83 12.58 28.47 -0.56
N ASN A 84 11.46 28.05 -1.14
CA ASN A 84 10.70 28.87 -2.06
C ASN A 84 9.39 29.33 -1.42
N SER A 85 8.81 30.37 -2.02
CA SER A 85 7.55 31.00 -1.58
C SER A 85 7.49 31.12 -0.06
N LEU A 86 8.50 31.79 0.48
CA LEU A 86 8.64 31.91 1.92
C LEU A 86 7.51 32.74 2.52
N LYS A 87 7.12 32.37 3.74
CA LYS A 87 6.05 33.01 4.48
C LYS A 87 6.59 33.59 5.78
N PRO A 88 5.95 34.63 6.32
CA PRO A 88 6.43 35.19 7.60
C PRO A 88 6.53 34.16 8.71
N GLU A 89 5.64 33.17 8.73
CA GLU A 89 5.74 32.13 9.75
C GLU A 89 6.96 31.24 9.57
N ASP A 90 7.64 31.32 8.42
CA ASP A 90 8.91 30.62 8.23
C ASP A 90 10.07 31.32 8.93
N THR A 91 9.83 32.46 9.57
CA THR A 91 10.89 33.16 10.28
C THR A 91 11.34 32.34 11.48
N ALA A 92 12.62 31.99 11.52
CA ALA A 92 13.16 31.15 12.59
C ALA A 92 14.67 31.06 12.40
N MET A 93 15.32 30.47 13.40
CA MET A 93 16.70 30.03 13.27
C MET A 93 16.70 28.62 12.70
N TYR A 94 17.53 28.39 11.69
CA TYR A 94 17.55 27.12 10.98
C TYR A 94 18.85 26.38 11.27
N TYR A 95 18.75 25.12 11.68
CA TYR A 95 19.88 24.28 12.02
C TYR A 95 19.94 23.08 11.10
N CYS A 96 21.14 22.70 10.67
CA CYS A 96 21.34 21.40 10.05
C CYS A 96 21.82 20.42 11.09
N ALA A 97 21.46 19.15 10.90
CA ALA A 97 21.70 18.13 11.91
C ALA A 97 22.04 16.81 11.24
N ALA A 98 22.78 15.98 11.97
CA ALA A 98 23.29 14.71 11.45
C ALA A 98 23.12 13.64 12.51
N SER A 99 22.65 12.47 12.07
CA SER A 99 22.60 11.31 12.95
C SER A 99 23.98 10.64 12.99
N GLY A 100 24.10 9.60 13.80
CA GLY A 100 25.19 8.68 13.66
C GLY A 100 24.99 7.83 12.43
N ALA A 101 25.99 6.99 12.15
CA ALA A 101 25.87 6.06 11.03
C ALA A 101 24.69 5.13 11.27
N ILE A 102 23.90 4.90 10.22
CA ILE A 102 22.75 4.01 10.33
C ILE A 102 22.43 3.46 8.96
N ALA A 103 22.38 2.14 8.84
CA ALA A 103 22.17 1.45 7.58
C ALA A 103 20.89 0.62 7.67
N GLY A 104 20.36 0.28 6.50
CA GLY A 104 19.20 -0.57 6.40
C GLY A 104 17.86 0.14 6.43
N ILE A 105 17.81 1.40 6.84
CA ILE A 105 16.54 2.12 6.91
C ILE A 105 16.25 2.79 5.56
N ARG A 106 15.18 3.57 5.51
CA ARG A 106 14.81 4.28 4.29
C ARG A 106 14.47 5.74 4.55
N LEU A 107 13.69 6.02 5.59
CA LEU A 107 13.19 7.36 5.87
C LEU A 107 13.66 7.83 7.24
N CYS A 108 14.12 9.07 7.31
CA CYS A 108 14.69 9.63 8.52
C CYS A 108 13.63 10.44 9.26
N LEU A 109 13.44 10.15 10.55
CA LEU A 109 12.45 10.84 11.34
C LEU A 109 12.87 12.30 11.56
N PRO A 110 11.91 13.20 11.72
CA PRO A 110 12.24 14.63 11.90
C PRO A 110 12.44 15.07 13.34
N GLY A 111 12.47 14.16 14.31
CA GLY A 111 12.64 14.58 15.70
C GLY A 111 14.10 14.86 16.04
N HIS A 112 14.31 15.89 16.87
CA HIS A 112 15.67 16.28 17.26
C HIS A 112 16.36 15.16 18.03
N THR A 113 15.59 14.33 18.74
CA THR A 113 16.14 13.22 19.51
C THR A 113 16.90 12.23 18.63
N PHE A 114 16.57 12.19 17.34
CA PHE A 114 17.17 11.22 16.42
C PHE A 114 18.38 11.77 15.68
N TYR A 115 19.00 12.82 16.21
CA TYR A 115 20.18 13.41 15.59
C TYR A 115 21.19 13.73 16.68
N THR A 116 22.47 13.61 16.32
CA THR A 116 23.56 13.74 17.29
C THR A 116 24.34 15.03 17.14
N TYR A 117 24.74 15.37 15.92
CA TYR A 117 25.57 16.53 15.65
C TYR A 117 24.73 17.66 15.07
N TRP A 118 25.06 18.89 15.47
CA TRP A 118 24.27 20.07 15.13
C TRP A 118 25.19 21.20 14.68
N GLY A 119 24.69 21.98 13.73
CA GLY A 119 25.34 23.21 13.34
C GLY A 119 25.09 24.31 14.35
N GLN A 120 25.58 25.51 14.00
CA GLN A 120 25.43 26.66 14.87
C GLN A 120 24.10 27.39 14.67
N GLY A 121 23.49 27.26 13.49
CA GLY A 121 22.20 27.86 13.24
C GLY A 121 22.27 29.18 12.51
N THR A 122 21.58 29.27 11.37
CA THR A 122 21.49 30.50 10.62
C THR A 122 20.05 31.02 10.65
N GLN A 123 19.92 32.34 10.71
CA GLN A 123 18.62 32.99 10.86
C GLN A 123 18.00 33.26 9.51
N VAL A 124 16.70 32.97 9.39
CA VAL A 124 15.91 33.29 8.23
C VAL A 124 14.79 34.21 8.68
N THR A 125 14.65 35.36 8.02
CA THR A 125 13.66 36.37 8.39
C THR A 125 12.83 36.70 7.16
N VAL A 126 11.54 36.37 7.21
CA VAL A 126 10.59 36.65 6.14
C VAL A 126 9.64 37.74 6.63
N SER A 127 9.65 38.88 5.95
CA SER A 127 8.93 40.06 6.42
C SER A 127 7.73 40.36 5.53
N SER A 128 6.74 40.99 6.14
CA SER A 128 5.47 41.31 5.48
C SER A 128 5.24 42.82 5.36
N HIS A 129 6.25 43.63 5.64
CA HIS A 129 6.07 45.07 5.70
C HIS A 129 5.87 45.65 4.31
N HIS A 130 4.96 46.62 4.21
CA HIS A 130 4.72 47.30 2.95
C HIS A 130 4.33 48.75 3.24
N HIS A 131 4.50 49.60 2.23
CA HIS A 131 4.26 51.03 2.39
C HIS A 131 3.47 51.63 1.25
N HIS A 132 2.98 50.81 0.32
CA HIS A 132 2.27 51.29 -0.86
C HIS A 132 0.78 51.03 -0.72
N HIS A 133 -0.02 51.95 -1.26
CA HIS A 133 -1.45 51.80 -1.36
C HIS A 133 -1.84 51.15 -2.70
N HIS A 134 -3.11 50.83 -2.84
CA HIS A 134 -3.66 50.30 -4.09
C HIS A 134 -4.67 51.27 -4.67
N LYS B 12 -26.68 -27.74 -22.35
CA LYS B 12 -26.85 -26.44 -21.74
C LYS B 12 -25.72 -26.15 -20.75
N VAL B 13 -25.12 -24.96 -20.86
CA VAL B 13 -24.00 -24.60 -19.99
C VAL B 13 -24.43 -24.56 -18.53
N GLU B 14 -25.70 -24.26 -18.27
CA GLU B 14 -26.20 -24.21 -16.90
C GLU B 14 -25.94 -25.51 -16.16
N GLY B 15 -26.17 -26.65 -16.81
CA GLY B 15 -25.94 -27.93 -16.17
C GLY B 15 -24.47 -28.26 -16.02
N CYS B 16 -23.62 -27.69 -16.86
CA CYS B 16 -22.18 -27.89 -16.73
C CYS B 16 -21.57 -27.03 -15.64
N MET B 17 -22.25 -25.97 -15.20
CA MET B 17 -21.64 -25.09 -14.21
C MET B 17 -21.57 -25.79 -12.86
N VAL B 18 -20.41 -25.67 -12.21
CA VAL B 18 -20.14 -26.33 -10.94
C VAL B 18 -19.31 -25.38 -10.08
N GLN B 19 -19.23 -25.70 -8.79
CA GLN B 19 -18.51 -24.87 -7.83
C GLN B 19 -17.26 -25.59 -7.37
N VAL B 20 -16.12 -24.91 -7.50
CA VAL B 20 -14.81 -25.47 -7.17
C VAL B 20 -14.24 -24.70 -5.99
N THR B 21 -13.85 -25.44 -4.95
CA THR B 21 -13.34 -24.84 -3.71
C THR B 21 -12.00 -25.44 -3.36
N CYS B 22 -11.01 -24.58 -3.10
CA CYS B 22 -9.69 -25.00 -2.66
C CYS B 22 -9.27 -24.10 -1.51
N GLY B 23 -9.27 -24.64 -0.30
CA GLY B 23 -8.99 -23.80 0.86
C GLY B 23 -10.10 -22.80 1.08
N THR B 24 -9.72 -21.53 1.22
CA THR B 24 -10.70 -20.47 1.39
C THR B 24 -11.37 -20.09 0.07
N THR B 25 -10.61 -20.14 -1.02
CA THR B 25 -11.09 -19.63 -2.31
C THR B 25 -12.17 -20.53 -2.91
N THR B 26 -13.11 -19.90 -3.62
CA THR B 26 -14.22 -20.60 -4.24
C THR B 26 -14.66 -19.85 -5.48
N LEU B 27 -14.85 -20.57 -6.59
CA LEU B 27 -15.27 -19.96 -7.84
C LEU B 27 -16.03 -21.00 -8.66
N ASN B 28 -16.52 -20.56 -9.83
CA ASN B 28 -17.24 -21.45 -10.73
C ASN B 28 -16.28 -22.26 -11.58
N GLY B 29 -16.74 -23.45 -11.98
CA GLY B 29 -16.00 -24.29 -12.89
C GLY B 29 -16.90 -24.80 -14.00
N LEU B 30 -16.27 -25.19 -15.10
CA LEU B 30 -16.97 -25.73 -16.27
C LEU B 30 -16.76 -27.24 -16.32
N TRP B 31 -17.86 -27.99 -16.22
CA TRP B 31 -17.82 -29.45 -16.12
C TRP B 31 -18.15 -30.04 -17.48
N LEU B 32 -17.14 -30.56 -18.18
CA LEU B 32 -17.29 -31.19 -19.48
C LEU B 32 -16.68 -32.58 -19.42
N ASP B 33 -17.52 -33.60 -19.60
CA ASP B 33 -17.12 -35.02 -19.45
C ASP B 33 -16.59 -35.17 -18.03
N ASP B 34 -15.41 -35.77 -17.82
CA ASP B 34 -14.84 -35.93 -16.49
C ASP B 34 -13.79 -34.87 -16.16
N VAL B 35 -13.82 -33.73 -16.86
CA VAL B 35 -12.86 -32.65 -16.64
C VAL B 35 -13.62 -31.41 -16.18
N VAL B 36 -13.14 -30.77 -15.12
CA VAL B 36 -13.67 -29.51 -14.62
C VAL B 36 -12.63 -28.43 -14.89
N TYR B 37 -13.01 -27.44 -15.70
CA TYR B 37 -12.14 -26.32 -16.04
C TYR B 37 -12.46 -25.14 -15.14
N CYS B 38 -11.43 -24.46 -14.66
CA CYS B 38 -11.62 -23.32 -13.78
C CYS B 38 -10.36 -22.48 -13.81
N PRO B 39 -10.40 -21.24 -13.32
CA PRO B 39 -9.18 -20.44 -13.20
C PRO B 39 -8.20 -21.08 -12.23
N ARG B 40 -6.92 -21.08 -12.62
CA ARG B 40 -5.91 -21.73 -11.81
C ARG B 40 -5.67 -21.01 -10.49
N HIS B 41 -6.12 -19.76 -10.33
CA HIS B 41 -5.85 -19.01 -9.11
C HIS B 41 -6.79 -19.39 -7.97
N VAL B 42 -7.62 -20.42 -8.14
CA VAL B 42 -8.39 -20.95 -7.03
C VAL B 42 -7.48 -21.50 -5.94
N ILE B 43 -6.26 -21.92 -6.31
CA ILE B 43 -5.31 -22.43 -5.32
C ILE B 43 -4.66 -21.34 -4.51
N CYS B 44 -4.93 -20.07 -4.82
CA CYS B 44 -4.27 -18.95 -4.18
C CYS B 44 -5.20 -18.25 -3.20
N THR B 45 -4.61 -17.71 -2.15
CA THR B 45 -5.27 -16.79 -1.24
C THR B 45 -4.89 -15.36 -1.61
N SER B 46 -5.38 -14.41 -0.81
CA SER B 46 -5.05 -13.00 -1.04
C SER B 46 -3.54 -12.77 -0.96
N GLU B 47 -2.88 -13.41 0.01
CA GLU B 47 -1.43 -13.28 0.14
C GLU B 47 -0.71 -13.85 -1.09
N ASP B 48 -1.21 -14.97 -1.61
CA ASP B 48 -0.54 -15.60 -2.76
C ASP B 48 -0.73 -14.79 -4.04
N MET B 49 -1.88 -14.13 -4.20
CA MET B 49 -2.21 -13.46 -5.46
C MET B 49 -1.28 -12.30 -5.79
N LEU B 50 -0.50 -11.82 -4.82
CA LEU B 50 0.42 -10.70 -5.01
C LEU B 50 1.32 -10.95 -6.22
N ASN B 51 2.17 -11.95 -6.12
CA ASN B 51 2.92 -12.46 -7.26
C ASN B 51 3.14 -13.95 -6.99
N PRO B 52 2.34 -14.82 -7.61
CA PRO B 52 2.28 -16.21 -7.17
C PRO B 52 3.22 -17.17 -7.89
N ASN B 53 3.79 -18.09 -7.12
CA ASN B 53 4.54 -19.25 -7.61
C ASN B 53 3.52 -20.35 -7.88
N TYR B 54 2.96 -20.38 -9.09
CA TYR B 54 1.90 -21.34 -9.37
C TYR B 54 2.41 -22.77 -9.40
N GLU B 55 3.67 -22.96 -9.79
CA GLU B 55 4.25 -24.31 -9.79
C GLU B 55 4.32 -24.87 -8.37
N ASP B 56 4.82 -24.07 -7.43
CA ASP B 56 4.97 -24.55 -6.06
C ASP B 56 3.63 -24.62 -5.35
N LEU B 57 2.74 -23.67 -5.62
CA LEU B 57 1.41 -23.69 -4.99
C LEU B 57 0.61 -24.88 -5.48
N LEU B 58 0.81 -25.28 -6.73
CA LEU B 58 0.14 -26.47 -7.23
C LEU B 58 0.79 -27.73 -6.69
N ILE B 59 2.07 -27.65 -6.33
CA ILE B 59 2.73 -28.80 -5.71
C ILE B 59 2.13 -29.09 -4.34
N ARG B 60 1.74 -28.04 -3.60
CA ARG B 60 0.91 -28.20 -2.42
C ARG B 60 -0.30 -29.05 -2.73
N LYS B 61 -1.17 -28.48 -3.56
CA LYS B 61 -2.48 -29.06 -3.80
C LYS B 61 -2.35 -30.46 -4.37
N SER B 62 -3.12 -31.37 -3.80
CA SER B 62 -3.30 -32.70 -4.34
C SER B 62 -4.74 -32.83 -4.81
N ASN B 63 -5.06 -33.99 -5.39
CA ASN B 63 -6.41 -34.20 -5.92
C ASN B 63 -7.48 -34.05 -4.84
N HIS B 64 -7.15 -34.39 -3.59
CA HIS B 64 -8.13 -34.32 -2.52
C HIS B 64 -8.36 -32.90 -2.01
N ASN B 65 -7.40 -31.98 -2.24
CA ASN B 65 -7.57 -30.61 -1.76
C ASN B 65 -8.67 -29.89 -2.54
N PHE B 66 -8.78 -30.16 -3.84
CA PHE B 66 -9.82 -29.55 -4.65
C PHE B 66 -11.16 -30.20 -4.37
N LEU B 67 -12.19 -29.36 -4.20
CA LEU B 67 -13.55 -29.82 -3.94
C LEU B 67 -14.46 -29.32 -5.04
N VAL B 68 -15.15 -30.24 -5.71
CA VAL B 68 -16.07 -29.92 -6.80
C VAL B 68 -17.48 -30.25 -6.35
N GLN B 69 -18.39 -29.30 -6.51
CA GLN B 69 -19.79 -29.47 -6.15
C GLN B 69 -20.64 -29.27 -7.39
N ALA B 70 -21.39 -30.30 -7.77
CA ALA B 70 -22.25 -30.22 -8.96
C ALA B 70 -23.72 -30.30 -8.58
N LEU B 75 -18.23 -34.23 -5.71
CA LEU B 75 -17.47 -35.01 -6.70
C LEU B 75 -16.02 -35.15 -6.26
N ARG B 76 -15.36 -36.21 -6.71
CA ARG B 76 -13.98 -36.50 -6.35
C ARG B 76 -13.08 -36.28 -7.55
N VAL B 77 -12.01 -35.52 -7.35
CA VAL B 77 -11.04 -35.22 -8.40
C VAL B 77 -9.99 -36.32 -8.44
N ILE B 78 -9.76 -36.89 -9.62
CA ILE B 78 -8.79 -37.96 -9.79
C ILE B 78 -7.51 -37.49 -10.46
N GLY B 79 -7.37 -36.19 -10.73
CA GLY B 79 -6.18 -35.64 -11.34
C GLY B 79 -6.27 -34.15 -11.55
N HIS B 80 -5.14 -33.45 -11.54
CA HIS B 80 -5.12 -32.01 -11.79
C HIS B 80 -4.00 -31.67 -12.77
N SER B 81 -4.35 -30.92 -13.82
CA SER B 81 -3.40 -30.58 -14.88
C SER B 81 -3.58 -29.11 -15.23
N MET B 82 -2.50 -28.34 -15.13
CA MET B 82 -2.52 -26.91 -15.41
C MET B 82 -2.15 -26.67 -16.88
N GLN B 83 -2.99 -25.93 -17.59
CA GLN B 83 -2.73 -25.53 -18.97
C GLN B 83 -2.77 -24.01 -19.05
N ASN B 84 -1.61 -23.40 -19.24
CA ASN B 84 -1.49 -21.95 -19.09
C ASN B 84 -2.17 -21.51 -17.77
N CYS B 85 -3.23 -20.72 -17.85
CA CYS B 85 -3.87 -20.14 -16.68
C CYS B 85 -5.14 -20.87 -16.25
N VAL B 86 -5.50 -21.98 -16.88
CA VAL B 86 -6.67 -22.75 -16.47
C VAL B 86 -6.19 -24.02 -15.80
N LEU B 87 -6.91 -24.43 -14.75
CA LEU B 87 -6.70 -25.71 -14.09
C LEU B 87 -7.72 -26.70 -14.62
N LYS B 88 -7.26 -27.87 -15.05
CA LYS B 88 -8.12 -28.91 -15.59
C LYS B 88 -8.15 -30.07 -14.59
N LEU B 89 -9.29 -30.25 -13.94
CA LEU B 89 -9.45 -31.25 -12.86
C LEU B 89 -10.21 -32.44 -13.39
N LYS B 90 -9.55 -33.60 -13.45
CA LYS B 90 -10.20 -34.85 -13.81
C LYS B 90 -11.03 -35.34 -12.63
N VAL B 91 -12.33 -35.57 -12.86
CA VAL B 91 -13.23 -36.02 -11.81
C VAL B 91 -13.67 -37.46 -12.10
N ASP B 92 -14.17 -38.12 -11.04
CA ASP B 92 -14.53 -39.53 -11.15
C ASP B 92 -15.85 -39.75 -11.87
N THR B 93 -16.79 -38.81 -11.77
CA THR B 93 -18.10 -38.93 -12.40
C THR B 93 -18.13 -38.05 -13.64
N ALA B 94 -18.39 -38.66 -14.79
CA ALA B 94 -18.54 -37.89 -16.02
C ALA B 94 -19.86 -37.14 -16.02
N ASN B 95 -19.88 -36.00 -16.70
CA ASN B 95 -21.06 -35.15 -16.72
C ASN B 95 -22.06 -35.69 -17.73
N PRO B 96 -23.31 -35.96 -17.34
CA PRO B 96 -24.25 -36.63 -18.25
C PRO B 96 -24.79 -35.75 -19.38
N LYS B 97 -25.05 -34.46 -19.14
CA LYS B 97 -25.66 -33.60 -20.14
C LYS B 97 -24.64 -32.74 -20.90
N THR B 98 -23.42 -33.25 -21.07
CA THR B 98 -22.34 -32.49 -21.71
C THR B 98 -22.68 -32.20 -23.16
N PRO B 99 -22.73 -30.94 -23.56
CA PRO B 99 -22.97 -30.63 -24.98
C PRO B 99 -21.75 -30.92 -25.82
N LYS B 100 -21.99 -31.22 -27.09
CA LYS B 100 -20.90 -31.23 -28.06
C LYS B 100 -20.26 -29.85 -28.09
N TYR B 101 -18.95 -29.80 -27.86
CA TYR B 101 -18.29 -28.52 -27.64
C TYR B 101 -16.96 -28.49 -28.38
N LYS B 102 -16.48 -27.26 -28.60
CA LYS B 102 -15.15 -27.00 -29.11
C LYS B 102 -14.62 -25.74 -28.43
N PHE B 103 -13.30 -25.58 -28.45
CA PHE B 103 -12.64 -24.44 -27.84
C PHE B 103 -12.11 -23.54 -28.95
N VAL B 104 -12.56 -22.27 -28.94
CA VAL B 104 -12.17 -21.32 -29.98
C VAL B 104 -11.71 -20.04 -29.31
N ARG B 105 -10.99 -19.23 -30.08
CA ARG B 105 -10.47 -17.94 -29.61
C ARG B 105 -11.08 -16.83 -30.47
N ILE B 106 -11.75 -15.90 -29.81
CA ILE B 106 -12.42 -14.79 -30.51
C ILE B 106 -11.48 -13.60 -30.58
N GLN B 107 -11.96 -12.52 -31.17
CA GLN B 107 -11.27 -11.24 -31.22
C GLN B 107 -12.17 -10.18 -30.59
N PRO B 108 -11.63 -9.01 -30.23
CA PRO B 108 -12.48 -7.95 -29.67
C PRO B 108 -13.52 -7.49 -30.68
N GLY B 109 -14.67 -7.07 -30.16
CA GLY B 109 -15.76 -6.62 -31.00
C GLY B 109 -16.65 -7.71 -31.55
N GLN B 110 -16.41 -8.97 -31.19
CA GLN B 110 -17.26 -10.08 -31.63
C GLN B 110 -18.14 -10.50 -30.46
N THR B 111 -19.43 -10.58 -30.73
CA THR B 111 -20.41 -10.82 -29.66
C THR B 111 -20.39 -12.28 -29.22
N PHE B 112 -20.60 -12.48 -27.91
CA PHE B 112 -20.68 -13.82 -27.34
C PHE B 112 -21.46 -13.72 -26.03
N SER B 113 -22.07 -14.84 -25.65
CA SER B 113 -22.95 -14.87 -24.48
C SER B 113 -22.19 -15.43 -23.29
N VAL B 114 -22.33 -14.76 -22.14
CA VAL B 114 -21.68 -15.13 -20.89
C VAL B 114 -22.75 -15.48 -19.87
N LEU B 115 -22.61 -16.64 -19.23
CA LEU B 115 -23.54 -17.10 -18.19
C LEU B 115 -22.94 -16.80 -16.83
N ALA B 116 -23.47 -15.78 -16.16
CA ALA B 116 -22.92 -15.34 -14.88
C ALA B 116 -23.38 -16.26 -13.76
N CYS B 117 -22.43 -16.73 -12.94
CA CYS B 117 -22.70 -17.63 -11.84
C CYS B 117 -22.01 -17.11 -10.58
N TYR B 118 -22.73 -17.15 -9.47
CA TYR B 118 -22.18 -16.78 -8.16
C TYR B 118 -22.33 -17.97 -7.23
N ASN B 119 -21.22 -18.38 -6.61
CA ASN B 119 -21.20 -19.53 -5.69
C ASN B 119 -21.74 -20.78 -6.36
N GLY B 120 -21.44 -20.93 -7.65
CA GLY B 120 -21.77 -22.15 -8.37
C GLY B 120 -23.19 -22.26 -8.88
N SER B 121 -24.02 -21.24 -8.69
CA SER B 121 -25.38 -21.27 -9.18
C SER B 121 -25.58 -20.17 -10.21
N PRO B 122 -26.10 -20.48 -11.40
CA PRO B 122 -26.23 -19.46 -12.44
C PRO B 122 -27.22 -18.36 -12.06
N SER B 123 -26.97 -17.17 -12.61
CA SER B 123 -27.84 -16.01 -12.43
C SER B 123 -28.55 -15.65 -13.73
N GLY B 124 -27.81 -15.22 -14.75
CA GLY B 124 -28.43 -14.83 -16.00
C GLY B 124 -27.47 -14.97 -17.16
N VAL B 125 -28.01 -14.79 -18.36
CA VAL B 125 -27.26 -14.89 -19.61
C VAL B 125 -27.16 -13.49 -20.21
N TYR B 126 -25.92 -13.01 -20.37
CA TYR B 126 -25.66 -11.66 -20.86
C TYR B 126 -24.88 -11.72 -22.17
N GLN B 127 -25.31 -10.92 -23.15
CA GLN B 127 -24.56 -10.76 -24.38
C GLN B 127 -23.40 -9.81 -24.14
N CYS B 128 -22.21 -10.18 -24.61
CA CYS B 128 -20.98 -9.46 -24.32
C CYS B 128 -20.15 -9.30 -25.58
N ALA B 129 -19.22 -8.34 -25.51
CA ALA B 129 -18.27 -8.07 -26.59
C ALA B 129 -17.05 -7.42 -25.96
N MET B 130 -15.87 -8.02 -26.16
CA MET B 130 -14.67 -7.48 -25.56
C MET B 130 -14.31 -6.14 -26.20
N ARG B 131 -13.91 -5.19 -25.37
CA ARG B 131 -13.50 -3.88 -25.82
C ARG B 131 -12.11 -3.98 -26.44
N PRO B 132 -11.66 -2.93 -27.14
CA PRO B 132 -10.30 -2.98 -27.72
C PRO B 132 -9.21 -3.32 -26.72
N ASN B 133 -9.34 -2.92 -25.46
CA ASN B 133 -8.35 -3.30 -24.45
C ASN B 133 -8.58 -4.71 -23.91
N PHE B 134 -9.39 -5.51 -24.60
CA PHE B 134 -9.62 -6.92 -24.31
C PHE B 134 -10.39 -7.15 -23.01
N THR B 135 -11.05 -6.13 -22.48
CA THR B 135 -11.80 -6.27 -21.24
C THR B 135 -13.29 -6.26 -21.51
N ILE B 136 -14.05 -6.81 -20.57
CA ILE B 136 -15.51 -6.75 -20.59
C ILE B 136 -15.92 -5.77 -19.50
N LYS B 137 -16.66 -4.74 -19.89
CA LYS B 137 -17.21 -3.79 -18.92
C LYS B 137 -18.63 -4.24 -18.57
N GLY B 138 -18.84 -4.59 -17.31
CA GLY B 138 -20.12 -5.08 -16.88
C GLY B 138 -20.15 -5.31 -15.39
N SER B 139 -21.25 -4.94 -14.74
CA SER B 139 -21.34 -5.11 -13.29
C SER B 139 -21.74 -6.53 -12.90
N PHE B 140 -22.35 -7.29 -13.82
CA PHE B 140 -22.91 -8.60 -13.46
C PHE B 140 -21.82 -9.59 -13.04
N LEU B 141 -20.64 -9.52 -13.65
CA LEU B 141 -19.57 -10.43 -13.31
C LEU B 141 -18.88 -10.08 -11.98
N ASN B 142 -19.13 -8.90 -11.43
CA ASN B 142 -18.46 -8.50 -10.19
C ASN B 142 -18.94 -9.35 -9.03
N GLY B 143 -18.03 -9.58 -8.08
CA GLY B 143 -18.29 -10.49 -6.98
C GLY B 143 -18.22 -11.95 -7.36
N SER B 144 -17.99 -12.28 -8.62
CA SER B 144 -17.94 -13.66 -9.09
C SER B 144 -16.65 -13.87 -9.86
N CYS B 145 -16.37 -15.14 -10.16
CA CYS B 145 -15.16 -15.52 -10.87
C CYS B 145 -15.34 -16.92 -11.44
N GLY B 146 -14.97 -17.10 -12.71
CA GLY B 146 -15.05 -18.40 -13.35
C GLY B 146 -16.17 -18.56 -14.35
N SER B 147 -17.03 -17.57 -14.53
CA SER B 147 -18.09 -17.69 -15.54
C SER B 147 -17.49 -17.80 -16.93
N VAL B 148 -18.20 -18.50 -17.81
CA VAL B 148 -17.69 -18.81 -19.14
C VAL B 148 -18.55 -18.13 -20.20
N GLY B 149 -17.94 -17.86 -21.34
CA GLY B 149 -18.64 -17.34 -22.51
C GLY B 149 -18.67 -18.34 -23.64
N PHE B 150 -19.63 -18.19 -24.56
CA PHE B 150 -19.88 -19.22 -25.56
C PHE B 150 -20.75 -18.68 -26.68
N ASN B 151 -20.62 -19.29 -27.86
CA ASN B 151 -21.49 -19.05 -28.99
C ASN B 151 -22.17 -20.36 -29.36
N ILE B 152 -23.49 -20.30 -29.56
CA ILE B 152 -24.31 -21.50 -29.73
C ILE B 152 -24.77 -21.58 -31.18
N ASP B 153 -24.59 -22.75 -31.79
CA ASP B 153 -25.12 -23.01 -33.12
C ASP B 153 -26.03 -24.24 -33.11
N CYS B 156 -23.39 -27.24 -31.97
CA CYS B 156 -22.14 -27.19 -31.21
C CYS B 156 -22.08 -25.94 -30.34
N VAL B 157 -21.52 -26.10 -29.15
CA VAL B 157 -21.29 -24.98 -28.23
C VAL B 157 -19.81 -24.62 -28.33
N SER B 158 -19.52 -23.45 -28.88
CA SER B 158 -18.14 -22.98 -29.05
C SER B 158 -17.78 -22.13 -27.84
N PHE B 159 -17.15 -22.75 -26.85
CA PHE B 159 -16.67 -22.00 -25.69
C PHE B 159 -15.50 -21.11 -26.09
N CYS B 160 -15.60 -19.83 -25.73
CA CYS B 160 -14.61 -18.84 -26.15
C CYS B 160 -14.00 -18.02 -25.02
N TYR B 161 -14.44 -18.18 -23.78
CA TYR B 161 -14.07 -17.22 -22.75
C TYR B 161 -14.26 -17.82 -21.37
N MET B 162 -13.36 -17.44 -20.46
CA MET B 162 -13.50 -17.74 -19.04
C MET B 162 -13.10 -16.52 -18.23
N HIS B 163 -13.98 -16.11 -17.31
CA HIS B 163 -13.72 -14.95 -16.47
C HIS B 163 -12.72 -15.28 -15.37
N HIS B 164 -11.66 -14.49 -15.28
CA HIS B 164 -10.61 -14.70 -14.29
C HIS B 164 -10.49 -13.56 -13.29
N MET B 165 -10.35 -12.32 -13.77
CA MET B 165 -9.93 -11.21 -12.93
C MET B 165 -10.98 -10.11 -12.93
N GLU B 166 -11.23 -9.56 -11.74
CA GLU B 166 -12.09 -8.41 -11.58
C GLU B 166 -11.22 -7.21 -11.30
N LEU B 167 -11.38 -6.17 -12.10
CA LEU B 167 -10.63 -4.92 -11.93
C LEU B 167 -11.55 -3.82 -11.41
N PRO B 168 -10.99 -2.77 -10.78
CA PRO B 168 -11.80 -1.91 -9.89
C PRO B 168 -13.15 -1.43 -10.43
N THR B 169 -13.20 -0.89 -11.64
CA THR B 169 -14.43 -0.19 -12.06
C THR B 169 -15.34 -1.04 -12.94
N GLY B 170 -15.56 -2.27 -12.50
CA GLY B 170 -16.39 -3.19 -13.26
C GLY B 170 -15.75 -3.70 -14.54
N VAL B 171 -14.42 -3.74 -14.59
CA VAL B 171 -13.67 -4.13 -15.77
C VAL B 171 -13.13 -5.54 -15.53
N HIS B 172 -13.36 -6.44 -16.49
CA HIS B 172 -13.11 -7.85 -16.27
C HIS B 172 -12.17 -8.43 -17.33
N ALA B 173 -11.16 -9.17 -16.88
CA ALA B 173 -10.20 -9.82 -17.75
C ALA B 173 -10.43 -11.32 -17.73
N GLY B 174 -10.11 -11.98 -18.84
CA GLY B 174 -10.38 -13.39 -18.95
C GLY B 174 -9.48 -14.05 -19.98
N THR B 175 -9.63 -15.36 -20.08
CA THR B 175 -8.84 -16.19 -20.98
C THR B 175 -9.78 -16.92 -21.95
N ASP B 176 -9.18 -17.65 -22.88
CA ASP B 176 -9.94 -18.64 -23.63
C ASP B 176 -9.92 -19.95 -22.82
N LEU B 177 -10.52 -20.99 -23.38
CA LEU B 177 -10.59 -22.23 -22.63
C LEU B 177 -9.28 -23.00 -22.65
N GLU B 178 -8.32 -22.57 -23.45
CA GLU B 178 -6.96 -23.09 -23.37
C GLU B 178 -6.14 -22.42 -22.28
N GLY B 179 -6.68 -21.39 -21.63
CA GLY B 179 -5.98 -20.75 -20.53
C GLY B 179 -5.12 -19.57 -20.91
N ASN B 180 -5.21 -19.09 -22.15
CA ASN B 180 -4.43 -17.94 -22.59
C ASN B 180 -5.27 -16.67 -22.45
N PHE B 181 -4.76 -15.71 -21.68
CA PHE B 181 -5.48 -14.47 -21.45
C PHE B 181 -5.74 -13.74 -22.76
N TYR B 182 -6.90 -13.11 -22.84
CA TYR B 182 -7.14 -12.08 -23.84
C TYR B 182 -6.48 -10.79 -23.35
N GLY B 183 -5.59 -10.22 -24.15
CA GLY B 183 -4.92 -8.99 -23.80
C GLY B 183 -3.74 -9.22 -22.86
N PRO B 184 -3.07 -8.12 -22.47
CA PRO B 184 -1.86 -8.21 -21.66
C PRO B 184 -2.14 -8.33 -20.16
N PHE B 185 -2.96 -9.30 -19.79
CA PHE B 185 -3.36 -9.47 -18.39
C PHE B 185 -2.81 -10.76 -17.82
N VAL B 186 -2.57 -10.74 -16.52
CA VAL B 186 -2.03 -11.87 -15.77
C VAL B 186 -2.92 -12.11 -14.56
N ASP B 187 -2.93 -13.36 -14.07
CA ASP B 187 -3.72 -13.68 -12.88
C ASP B 187 -2.90 -13.35 -11.64
N ARG B 188 -2.67 -12.05 -11.46
CA ARG B 188 -2.02 -11.48 -10.29
C ARG B 188 -2.81 -10.24 -9.85
N GLN B 189 -2.86 -10.02 -8.54
CA GLN B 189 -3.60 -8.86 -8.02
C GLN B 189 -3.16 -8.59 -6.60
N THR B 190 -3.30 -7.31 -6.19
CA THR B 190 -3.10 -6.94 -4.80
C THR B 190 -4.39 -7.10 -4.00
N ALA B 191 -4.23 -7.20 -2.68
CA ALA B 191 -5.38 -7.31 -1.80
C ALA B 191 -6.22 -6.05 -1.80
N GLN B 192 -5.58 -4.89 -1.94
CA GLN B 192 -6.28 -3.61 -1.97
C GLN B 192 -6.46 -3.14 -3.41
N ALA B 193 -7.68 -2.75 -3.75
CA ALA B 193 -7.98 -2.27 -5.09
C ALA B 193 -7.33 -0.92 -5.33
N ALA B 194 -7.22 -0.56 -6.61
CA ALA B 194 -6.65 0.74 -6.96
C ALA B 194 -7.59 1.86 -6.54
N GLY B 195 -7.01 2.97 -6.12
CA GLY B 195 -7.79 4.10 -5.68
C GLY B 195 -8.30 4.02 -4.26
N THR B 196 -8.06 2.92 -3.55
CA THR B 196 -8.53 2.81 -2.17
C THR B 196 -7.81 3.80 -1.26
N ASP B 197 -6.49 3.94 -1.42
CA ASP B 197 -5.71 4.96 -0.72
C ASP B 197 -5.80 4.78 0.80
N THR B 198 -5.73 3.53 1.26
CA THR B 198 -5.90 3.23 2.67
C THR B 198 -4.63 3.58 3.46
N THR B 199 -4.81 4.21 4.61
CA THR B 199 -3.68 4.63 5.43
C THR B 199 -3.09 3.42 6.16
N ILE B 200 -1.76 3.37 6.25
CA ILE B 200 -1.06 2.21 6.77
C ILE B 200 -0.97 2.35 8.29
N THR B 201 -1.88 1.67 8.97
CA THR B 201 -2.08 1.87 10.40
C THR B 201 -0.81 1.59 11.21
N VAL B 202 -0.16 0.45 10.95
CA VAL B 202 1.02 0.10 11.74
C VAL B 202 2.12 1.14 11.58
N ASN B 203 2.17 1.82 10.43
CA ASN B 203 3.17 2.87 10.23
C ASN B 203 2.81 4.12 11.03
N VAL B 204 1.53 4.47 11.09
CA VAL B 204 1.10 5.59 11.93
C VAL B 204 1.42 5.32 13.38
N LEU B 205 1.15 4.10 13.84
CA LEU B 205 1.45 3.74 15.23
C LEU B 205 2.93 3.84 15.52
N ALA B 206 3.77 3.32 14.61
CA ALA B 206 5.21 3.44 14.80
C ALA B 206 5.65 4.89 14.90
N TRP B 207 5.07 5.75 14.05
CA TRP B 207 5.41 7.17 14.05
C TRP B 207 4.96 7.84 15.36
N LEU B 208 3.81 7.43 15.90
CA LEU B 208 3.38 7.93 17.20
C LEU B 208 4.34 7.54 18.30
N TYR B 209 4.79 6.28 18.32
CA TYR B 209 5.82 5.87 19.28
C TYR B 209 7.08 6.72 19.14
N ALA B 210 7.47 7.02 17.90
CA ALA B 210 8.62 7.90 17.68
C ALA B 210 8.38 9.27 18.29
N ALA B 211 7.14 9.76 18.23
CA ALA B 211 6.83 11.07 18.80
C ALA B 211 6.99 11.06 20.32
N VAL B 212 6.57 9.98 20.97
CA VAL B 212 6.69 9.87 22.42
C VAL B 212 8.17 9.83 22.82
N ILE B 213 8.97 9.03 22.10
CA ILE B 213 10.40 8.97 22.36
C ILE B 213 11.07 10.32 22.11
N ASN B 214 10.50 11.12 21.20
CA ASN B 214 10.98 12.48 20.96
C ASN B 214 10.45 13.49 21.96
N GLY B 215 9.54 13.08 22.85
CA GLY B 215 9.02 13.96 23.88
C GLY B 215 7.60 14.45 23.67
N ASP B 216 6.95 14.11 22.56
CA ASP B 216 5.57 14.51 22.30
C ASP B 216 4.64 13.55 23.03
N ARG B 217 3.94 14.05 24.05
CA ARG B 217 3.03 13.21 24.83
C ARG B 217 1.59 13.70 24.81
N TRP B 218 1.31 14.84 24.17
CA TRP B 218 0.01 15.48 24.35
C TRP B 218 -1.14 14.59 23.91
N PHE B 219 -0.91 13.69 22.95
CA PHE B 219 -1.98 12.88 22.37
C PHE B 219 -2.25 11.60 23.15
N LEU B 220 -1.40 11.23 24.11
CA LEU B 220 -1.63 10.04 24.89
C LEU B 220 -2.78 10.28 25.86
N ASN B 221 -3.78 9.39 25.83
CA ASN B 221 -4.94 9.53 26.70
C ASN B 221 -4.94 8.41 27.73
N ARG B 222 -5.99 8.39 28.55
CA ARG B 222 -6.13 7.45 29.66
C ARG B 222 -6.75 6.13 29.25
N PHE B 223 -6.98 5.89 27.95
CA PHE B 223 -7.82 4.80 27.51
C PHE B 223 -7.00 3.69 26.87
N THR B 224 -7.59 2.50 26.88
CA THR B 224 -7.14 1.38 26.08
C THR B 224 -8.30 0.92 25.20
N THR B 225 -8.02 0.01 24.28
CA THR B 225 -9.04 -0.47 23.36
C THR B 225 -8.75 -1.93 23.02
N THR B 226 -9.59 -2.49 22.15
CA THR B 226 -9.42 -3.84 21.62
C THR B 226 -9.21 -3.77 20.11
N LEU B 227 -8.70 -4.88 19.55
CA LEU B 227 -8.56 -4.96 18.11
C LEU B 227 -9.90 -4.74 17.41
N ASN B 228 -10.97 -5.36 17.93
CA ASN B 228 -12.28 -5.24 17.30
C ASN B 228 -12.78 -3.81 17.33
N ASP B 229 -12.75 -3.18 18.51
CA ASP B 229 -13.22 -1.80 18.63
C ASP B 229 -12.37 -0.87 17.76
N PHE B 230 -11.05 -1.05 17.77
CA PHE B 230 -10.21 -0.20 16.94
C PHE B 230 -10.52 -0.39 15.47
N ASN B 231 -10.70 -1.64 15.04
CA ASN B 231 -10.88 -1.91 13.62
C ASN B 231 -12.20 -1.37 13.09
N LEU B 232 -13.22 -1.22 13.95
CA LEU B 232 -14.42 -0.50 13.54
C LEU B 232 -14.09 0.92 13.13
N VAL B 233 -13.31 1.62 13.95
CA VAL B 233 -12.90 2.98 13.62
C VAL B 233 -12.00 3.00 12.40
N ALA B 234 -11.08 2.04 12.31
CA ALA B 234 -10.13 2.01 11.20
C ALA B 234 -10.86 1.87 9.87
N MET B 235 -11.81 0.94 9.78
CA MET B 235 -12.59 0.82 8.56
C MET B 235 -13.37 2.10 8.25
N LYS B 236 -13.87 2.77 9.30
CA LYS B 236 -14.62 4.00 9.08
C LYS B 236 -13.74 5.08 8.45
N TYR B 237 -12.48 5.17 8.88
CA TYR B 237 -11.61 6.25 8.41
C TYR B 237 -10.63 5.79 7.34
N ASN B 238 -10.85 4.62 6.74
CA ASN B 238 -10.02 4.10 5.65
C ASN B 238 -8.59 3.88 6.10
N TYR B 239 -8.45 3.19 7.24
CA TYR B 239 -7.18 2.71 7.77
C TYR B 239 -7.12 1.20 7.65
N GLU B 240 -5.92 0.67 7.48
CA GLU B 240 -5.73 -0.78 7.48
C GLU B 240 -6.17 -1.34 8.83
N PRO B 241 -7.04 -2.34 8.87
CA PRO B 241 -7.34 -2.99 10.15
C PRO B 241 -6.10 -3.61 10.77
N LEU B 242 -6.07 -3.61 12.09
CA LEU B 242 -4.90 -4.08 12.81
C LEU B 242 -5.04 -5.55 13.15
N THR B 243 -3.93 -6.28 13.05
CA THR B 243 -3.87 -7.69 13.41
C THR B 243 -2.90 -7.87 14.58
N GLN B 244 -2.94 -9.07 15.17
CA GLN B 244 -1.94 -9.39 16.19
C GLN B 244 -0.53 -9.32 15.63
N ASP B 245 -0.35 -9.67 14.36
CA ASP B 245 0.97 -9.58 13.74
C ASP B 245 1.48 -8.14 13.76
N HIS B 246 0.60 -7.18 13.46
CA HIS B 246 0.99 -5.77 13.59
C HIS B 246 1.36 -5.44 15.03
N VAL B 247 0.57 -5.95 15.99
CA VAL B 247 0.86 -5.71 17.41
C VAL B 247 2.26 -6.21 17.75
N ASP B 248 2.61 -7.43 17.32
CA ASP B 248 3.93 -7.97 17.62
C ASP B 248 5.03 -7.15 16.96
N ILE B 249 4.78 -6.65 15.75
CA ILE B 249 5.79 -5.85 15.05
C ILE B 249 6.18 -4.64 15.88
N LEU B 250 5.19 -3.99 16.52
CA LEU B 250 5.44 -2.82 17.34
C LEU B 250 6.02 -3.15 18.71
N GLY B 251 6.26 -4.43 18.99
CA GLY B 251 6.78 -4.90 20.26
C GLY B 251 7.96 -4.11 20.82
N PRO B 252 9.02 -3.94 20.02
CA PRO B 252 10.18 -3.17 20.52
C PRO B 252 9.82 -1.76 20.95
N LEU B 253 8.91 -1.09 20.22
CA LEU B 253 8.56 0.28 20.58
C LEU B 253 7.69 0.32 21.84
N SER B 254 6.79 -0.66 21.99
CA SER B 254 6.01 -0.73 23.22
C SER B 254 6.90 -0.98 24.43
N ALA B 255 7.90 -1.86 24.28
CA ALA B 255 8.80 -2.14 25.39
C ALA B 255 9.69 -0.94 25.70
N GLN B 256 10.12 -0.21 24.67
CA GLN B 256 10.96 0.97 24.89
C GLN B 256 10.22 2.05 25.65
N THR B 257 8.97 2.33 25.26
CA THR B 257 8.19 3.41 25.86
C THR B 257 7.38 2.98 27.07
N GLY B 258 7.20 1.68 27.30
CA GLY B 258 6.27 1.23 28.31
C GLY B 258 4.81 1.45 27.98
N ILE B 259 4.49 1.73 26.72
CA ILE B 259 3.12 1.98 26.29
C ILE B 259 2.65 0.80 25.45
N ALA B 260 1.64 0.08 25.94
CA ALA B 260 1.11 -1.06 25.20
C ALA B 260 0.58 -0.61 23.85
N VAL B 261 0.64 -1.51 22.88
CA VAL B 261 0.14 -1.21 21.54
C VAL B 261 -1.33 -0.82 21.58
N LEU B 262 -2.13 -1.59 22.33
CA LEU B 262 -3.56 -1.28 22.39
C LEU B 262 -3.82 0.04 23.08
N ASP B 263 -2.94 0.47 23.98
CA ASP B 263 -3.07 1.80 24.55
C ASP B 263 -2.78 2.87 23.51
N MET B 264 -1.74 2.68 22.70
CA MET B 264 -1.47 3.63 21.63
C MET B 264 -2.60 3.65 20.61
N CYS B 265 -3.19 2.48 20.34
CA CYS B 265 -4.33 2.39 19.44
C CYS B 265 -5.49 3.25 19.93
N ALA B 266 -5.67 3.32 21.25
CA ALA B 266 -6.74 4.16 21.80
C ALA B 266 -6.43 5.64 21.60
N SER B 267 -5.16 6.01 21.68
CA SER B 267 -4.79 7.38 21.38
C SER B 267 -5.05 7.70 19.92
N LEU B 268 -4.71 6.76 19.02
CA LEU B 268 -4.96 6.97 17.59
C LEU B 268 -6.44 7.04 17.29
N LYS B 269 -7.25 6.20 17.93
CA LYS B 269 -8.69 6.25 17.75
C LYS B 269 -9.24 7.63 18.08
N GLU B 270 -8.78 8.22 19.20
CA GLU B 270 -9.22 9.57 19.54
C GLU B 270 -8.74 10.58 18.49
N LEU B 271 -7.50 10.42 18.03
CA LEU B 271 -6.97 11.31 16.99
C LEU B 271 -7.77 11.20 15.70
N LEU B 272 -8.26 10.00 15.36
CA LEU B 272 -9.06 9.85 14.14
C LEU B 272 -10.45 10.46 14.31
N GLN B 273 -11.08 10.24 15.47
CA GLN B 273 -12.43 10.76 15.67
C GLN B 273 -12.45 12.26 15.93
N ASN B 274 -11.42 12.79 16.57
CA ASN B 274 -11.40 14.20 16.95
C ASN B 274 -10.50 15.07 16.08
N GLY B 275 -9.55 14.50 15.36
CA GLY B 275 -8.55 15.30 14.69
C GLY B 275 -7.49 15.79 15.67
N MET B 276 -6.57 16.60 15.15
CA MET B 276 -5.47 17.11 15.97
C MET B 276 -5.84 18.37 16.74
N ASN B 277 -6.95 19.02 16.39
CA ASN B 277 -7.42 20.22 17.08
C ASN B 277 -6.33 21.30 17.11
N GLY B 278 -5.71 21.53 15.96
CA GLY B 278 -4.73 22.58 15.80
C GLY B 278 -3.33 22.23 16.23
N ARG B 279 -3.13 21.11 16.92
CA ARG B 279 -1.80 20.73 17.35
C ARG B 279 -1.08 19.95 16.25
N THR B 280 0.22 19.75 16.46
CA THR B 280 1.04 18.97 15.56
C THR B 280 1.67 17.82 16.31
N ILE B 281 2.13 16.83 15.56
CA ILE B 281 2.88 15.69 16.11
C ILE B 281 4.14 15.55 15.27
N LEU B 282 5.30 15.57 15.94
CA LEU B 282 6.58 15.55 15.25
C LEU B 282 6.63 16.60 14.14
N GLY B 283 6.07 17.77 14.42
CA GLY B 283 6.09 18.89 13.51
C GLY B 283 5.07 18.84 12.38
N SER B 284 4.20 17.84 12.34
CA SER B 284 3.27 17.64 11.23
C SER B 284 1.84 17.77 11.72
N ALA B 285 1.01 18.47 10.94
CA ALA B 285 -0.43 18.57 11.21
C ALA B 285 -1.21 17.38 10.66
N LEU B 286 -0.56 16.43 10.01
CA LEU B 286 -1.21 15.24 9.48
C LEU B 286 -0.60 14.00 10.11
N LEU B 287 -1.42 12.97 10.27
CA LEU B 287 -0.91 11.68 10.72
C LEU B 287 -0.11 11.05 9.60
N GLU B 288 1.15 10.71 9.88
CA GLU B 288 2.08 10.26 8.85
C GLU B 288 2.18 8.74 8.86
N ASP B 289 2.13 8.13 7.66
CA ASP B 289 2.20 6.67 7.55
C ASP B 289 3.31 6.20 6.60
N GLU B 290 4.29 7.03 6.30
CA GLU B 290 5.39 6.58 5.43
C GLU B 290 6.54 5.96 6.19
N PHE B 291 6.64 6.17 7.50
CA PHE B 291 7.71 5.58 8.28
C PHE B 291 7.33 4.16 8.69
N THR B 292 8.12 3.17 8.29
CA THR B 292 7.83 1.79 8.66
C THR B 292 8.31 1.51 10.08
N PRO B 293 7.78 0.47 10.73
CA PRO B 293 8.32 0.12 12.05
C PRO B 293 9.81 -0.18 12.00
N PHE B 294 10.33 -0.69 10.89
CA PHE B 294 11.77 -0.91 10.78
C PHE B 294 12.52 0.41 10.84
N ASP B 295 12.07 1.41 10.07
CA ASP B 295 12.67 2.74 10.16
C ASP B 295 12.69 3.24 11.60
N VAL B 296 11.54 3.14 12.29
CA VAL B 296 11.41 3.75 13.61
C VAL B 296 12.20 2.96 14.65
N VAL B 297 12.10 1.63 14.62
CA VAL B 297 12.77 0.79 15.60
C VAL B 297 14.28 1.05 15.57
N ARG B 298 14.86 1.05 14.37
CA ARG B 298 16.31 1.25 14.25
C ARG B 298 16.72 2.64 14.73
N GLN B 299 15.92 3.66 14.40
CA GLN B 299 16.28 5.01 14.81
C GLN B 299 16.03 5.23 16.29
N CYS B 300 15.02 4.58 16.87
CA CYS B 300 14.78 4.74 18.30
C CYS B 300 15.74 3.93 19.16
N SER B 301 16.39 2.91 18.59
CA SER B 301 17.25 2.03 19.37
C SER B 301 18.43 2.80 19.95
N GLY B 302 19.02 3.70 19.17
CA GLY B 302 20.15 4.51 19.60
C GLY B 302 19.83 5.58 20.61
N VAL B 303 18.55 5.86 20.83
CA VAL B 303 18.16 6.78 21.88
C VAL B 303 18.19 6.07 23.22
#